data_2XKV
#
_entry.id   2XKV
#
_cell.length_a   1.000
_cell.length_b   1.000
_cell.length_c   1.000
_cell.angle_alpha   90.00
_cell.angle_beta   90.00
_cell.angle_gamma   90.00
#
_symmetry.space_group_name_H-M   'P 1'
#
loop_
_entity.id
_entity.type
_entity.pdbx_description
1 polymer 'SIGNAL RECOGNITION PARTICLE PROTEIN'
2 polymer '4.5S RNA'
3 polymer 'SIGNAL RECOGNITION PARTICLE PROTEIN'
4 polymer 'CELL DIVISION PROTEIN FTSY'
#
loop_
_entity_poly.entity_id
_entity_poly.type
_entity_poly.pdbx_seq_one_letter_code
_entity_poly.pdbx_strand_id
1 'polypeptide(L)'
;MFQQLSARLQEAIGRLRGRGRITEEDLKATLREIRRALMDADVNLEVARDFVERVREEALGKQVLESLTPAEVILATVYE
ALKEALGGEARLPVLKDRNLWFLVGLQGSGKTTTAAKLALYYKGKGRRPLLVAADTQRPAAREQLRLLGEKVGVPVLEVM
DGESPESIRRRVEEKARLEARDLILVDTAGRLQIDEPLMGELARLKEVLGPDEVLLVLDAMTGQEALSVARAFDEKVGVT
GLVLTKLDGDARGGAALSARHVTGKPIYFAGVSEKPEGLEPFYPERLAGRILGM
;
A
2 'polyribonucleotide'
;GGGGGCUCUGUUGGUUCUCUGUGCUCUGUGCUCUGUUUACCAGGUCAGGUCCGAAAGGAAGCAGCCAAGGCAGAGACGCA
GAGCAGGCAGAUGUAGCUGGCAGGGCCCCCACCC
;
B
3 'polypeptide(L)' FDLNDFLEQKVLVRMEAIINSMTMKERAKPEIIKGSRKRRIAAGSGMQVQDVNRLLKQFDDMQRMMKKM C
4 'polypeptide(L)'
;GFFDRLKAGLAKTRERLLKAIPWGGNLEEVLEELEMALLAADVGLSATEEILQEVRASGRKDLKEAVKEKLVGMLEPDER
RATLRKLGFNPQKPKPVEPKGRVVLVVGVNGVGKTTTIAKLGRYYQNLGKKVMFCAGDTFRAAGGTQLSEWGKRLSIPVI
QGPEGTDPAALAYDAVQAMKARGYDLLFVDTAGRLHTKHNLMEELKKVKRAIAKADPEEPKEVWLVLDAVTGQNGLEQAK
KFHEAVGLTGVIVTKLDGTAKGGVLIPIVRTLKVPIKFVGVGEGPDDLQPFDPEAFVEALLED
;
D
#
loop_
_chem_comp.id
_chem_comp.type
_chem_comp.name
_chem_comp.formula
A RNA linking ADENOSINE-5'-MONOPHOSPHATE 'C10 H14 N5 O7 P'
C RNA linking CYTIDINE-5'-MONOPHOSPHATE 'C9 H14 N3 O8 P'
G RNA linking GUANOSINE-5'-MONOPHOSPHATE 'C10 H14 N5 O8 P'
U RNA linking URIDINE-5'-MONOPHOSPHATE 'C9 H13 N2 O9 P'
#
# COMPACT_ATOMS: atom_id res chain seq x y z
N GLN A 4 -21.44 2.70 0.49
CA GLN A 4 -20.41 2.19 -0.45
C GLN A 4 -19.18 3.09 -0.52
N LEU A 5 -19.23 4.21 0.21
CA LEU A 5 -18.14 5.18 0.25
C LEU A 5 -17.03 4.79 1.24
N SER A 6 -15.87 5.44 1.10
CA SER A 6 -14.71 5.20 1.96
C SER A 6 -14.84 5.87 3.34
N ALA A 7 -13.83 5.68 4.19
CA ALA A 7 -13.82 6.23 5.54
C ALA A 7 -13.69 7.76 5.59
N ARG A 8 -12.85 8.31 4.72
CA ARG A 8 -12.61 9.76 4.63
C ARG A 8 -13.72 10.56 3.95
N LEU A 9 -14.43 9.91 3.03
CA LEU A 9 -15.53 10.53 2.29
C LEU A 9 -16.93 10.28 2.86
N GLN A 10 -16.99 9.64 4.02
CA GLN A 10 -18.25 9.35 4.70
C GLN A 10 -18.54 10.44 5.73
N GLU A 11 -17.50 11.16 6.14
CA GLU A 11 -17.60 12.24 7.12
C GLU A 11 -17.53 13.62 6.44
N ALA A 12 -16.84 13.69 5.30
CA ALA A 12 -16.68 14.93 4.54
C ALA A 12 -17.98 15.37 3.85
N ILE A 13 -18.74 14.38 3.40
CA ILE A 13 -20.03 14.60 2.72
C ILE A 13 -21.16 14.42 3.76
N GLY A 14 -20.85 13.70 4.83
CA GLY A 14 -21.82 13.43 5.89
C GLY A 14 -22.10 14.52 6.91
N ARG A 15 -21.18 15.48 7.05
CA ARG A 15 -21.34 16.58 8.01
C ARG A 15 -22.18 17.75 7.46
N LEU A 16 -22.33 17.79 6.14
CA LEU A 16 -23.08 18.85 5.44
C LEU A 16 -24.59 18.61 5.38
N ARG A 17 -25.04 17.47 5.89
CA ARG A 17 -26.46 17.10 5.90
C ARG A 17 -27.22 17.65 7.11
N GLY A 18 -28.21 18.48 6.83
CA GLY A 18 -29.04 19.08 7.87
C GLY A 18 -28.51 20.33 8.53
N ARG A 19 -27.61 21.05 7.84
CA ARG A 19 -27.01 22.28 8.36
C ARG A 19 -27.63 23.52 7.73
N GLY A 20 -27.82 23.49 6.41
CA GLY A 20 -28.40 24.61 5.69
C GLY A 20 -27.58 25.00 4.47
N ARG A 21 -27.53 26.31 4.19
CA ARG A 21 -26.78 26.85 3.06
C ARG A 21 -25.31 27.11 3.41
N ILE A 22 -24.43 26.78 2.47
CA ILE A 22 -22.98 26.92 2.65
C ILE A 22 -22.37 28.19 2.04
N THR A 23 -21.12 28.47 2.45
CA THR A 23 -20.35 29.62 1.99
C THR A 23 -19.21 29.15 1.05
N GLU A 24 -18.29 30.06 0.73
CA GLU A 24 -17.15 29.77 -0.15
C GLU A 24 -16.01 29.06 0.59
N GLU A 25 -16.00 29.19 1.92
CA GLU A 25 -14.98 28.59 2.79
C GLU A 25 -15.25 27.11 3.08
N ASP A 26 -16.51 26.69 2.87
CA ASP A 26 -16.93 25.30 3.08
C ASP A 26 -16.57 24.41 1.90
N LEU A 27 -16.46 25.02 0.72
CA LEU A 27 -16.12 24.32 -0.53
C LEU A 27 -14.63 23.94 -0.55
N LYS A 28 -13.79 24.83 0.00
CA LYS A 28 -12.34 24.63 0.07
C LYS A 28 -11.98 23.63 1.17
N ALA A 29 -12.86 23.49 2.16
CA ALA A 29 -12.69 22.57 3.29
C ALA A 29 -13.08 21.13 2.92
N THR A 30 -13.96 20.99 1.93
CA THR A 30 -14.42 19.69 1.46
C THR A 30 -13.49 19.16 0.36
N LEU A 31 -12.99 20.06 -0.48
CA LEU A 31 -12.08 19.72 -1.59
C LEU A 31 -10.66 19.33 -1.16
N ARG A 32 -10.29 19.69 0.07
CA ARG A 32 -8.97 19.37 0.63
C ARG A 32 -8.99 17.92 1.15
N GLU A 33 -10.19 17.43 1.46
CA GLU A 33 -10.41 16.07 1.94
C GLU A 33 -10.46 15.07 0.79
N ILE A 34 -10.89 15.55 -0.39
CA ILE A 34 -10.98 14.74 -1.60
C ILE A 34 -9.59 14.64 -2.24
N ARG A 35 -8.77 15.67 -2.02
CA ARG A 35 -7.40 15.76 -2.52
C ARG A 35 -6.48 14.74 -1.83
N ARG A 36 -6.70 14.56 -0.53
CA ARG A 36 -5.92 13.63 0.29
C ARG A 36 -6.48 12.21 0.30
N ALA A 37 -7.73 12.07 -0.18
CA ALA A 37 -8.40 10.76 -0.27
C ALA A 37 -7.90 10.03 -1.52
N LEU A 38 -7.37 10.82 -2.46
CA LEU A 38 -6.81 10.32 -3.71
C LEU A 38 -5.38 9.83 -3.49
N MET A 39 -4.64 10.49 -2.59
CA MET A 39 -3.26 10.14 -2.25
C MET A 39 -3.14 8.81 -1.50
N ASP A 40 -4.25 8.40 -0.88
CA ASP A 40 -4.32 7.13 -0.13
C ASP A 40 -4.82 6.03 -1.07
N ALA A 41 -5.34 6.45 -2.22
CA ALA A 41 -5.87 5.55 -3.25
C ALA A 41 -4.88 5.44 -4.42
N ASP A 42 -3.62 5.80 -4.14
CA ASP A 42 -2.47 5.76 -5.06
C ASP A 42 -2.48 6.68 -6.30
N VAL A 43 -2.64 7.98 -6.06
CA VAL A 43 -2.64 9.02 -7.11
C VAL A 43 -1.56 10.06 -6.71
N ASN A 44 -0.95 10.69 -7.70
CA ASN A 44 0.10 11.71 -7.47
C ASN A 44 -0.47 13.04 -6.94
N LEU A 45 0.38 13.79 -6.24
CA LEU A 45 0.02 15.08 -5.63
C LEU A 45 -0.19 16.24 -6.60
N GLU A 46 0.43 16.15 -7.78
CA GLU A 46 0.32 17.19 -8.83
C GLU A 46 -0.96 17.04 -9.65
N VAL A 47 -1.47 15.81 -9.71
CA VAL A 47 -2.70 15.47 -10.44
C VAL A 47 -3.92 15.72 -9.54
N ALA A 48 -3.72 15.53 -8.23
CA ALA A 48 -4.76 15.72 -7.21
C ALA A 48 -5.04 17.20 -6.94
N ARG A 49 -4.06 18.05 -7.25
CA ARG A 49 -4.16 19.49 -7.06
C ARG A 49 -4.83 20.14 -8.29
N ASP A 50 -4.67 19.50 -9.45
CA ASP A 50 -5.25 19.97 -10.71
C ASP A 50 -6.69 19.48 -10.91
N PHE A 51 -7.09 18.51 -10.09
CA PHE A 51 -8.44 17.93 -10.13
C PHE A 51 -9.42 18.78 -9.30
N VAL A 52 -8.96 19.29 -8.16
CA VAL A 52 -9.78 20.11 -7.26
C VAL A 52 -10.01 21.54 -7.74
N GLU A 53 -9.20 21.98 -8.71
CA GLU A 53 -9.31 23.32 -9.29
C GLU A 53 -10.26 23.31 -10.49
N ARG A 54 -10.58 22.10 -10.96
CA ARG A 54 -11.50 21.87 -12.08
C ARG A 54 -12.93 21.77 -11.55
N VAL A 55 -13.07 21.16 -10.37
CA VAL A 55 -14.37 20.96 -9.70
C VAL A 55 -14.82 22.26 -9.01
N ARG A 56 -13.86 23.13 -8.70
CA ARG A 56 -14.11 24.41 -8.04
C ARG A 56 -14.83 25.41 -8.97
N GLU A 57 -14.50 25.34 -10.26
CA GLU A 57 -15.09 26.21 -11.28
C GLU A 57 -16.45 25.69 -11.77
N GLU A 58 -16.68 24.38 -11.58
CA GLU A 58 -17.93 23.73 -11.97
C GLU A 58 -18.98 23.78 -10.86
N ALA A 59 -18.54 24.03 -9.63
CA ALA A 59 -19.40 24.11 -8.46
C ALA A 59 -20.07 25.49 -8.35
N LEU A 60 -19.37 26.51 -8.85
CA LEU A 60 -19.86 27.89 -8.84
C LEU A 60 -20.78 28.17 -10.03
N GLY A 61 -20.73 27.28 -11.03
CA GLY A 61 -21.55 27.40 -12.22
C GLY A 61 -22.92 26.75 -12.04
N LYS A 62 -22.97 25.70 -11.22
CA LYS A 62 -24.20 24.97 -10.91
C LYS A 62 -24.91 25.54 -9.69
N GLN A 63 -24.26 26.53 -9.04
CA GLN A 63 -24.74 27.22 -7.84
C GLN A 63 -24.98 26.32 -6.63
N VAL A 64 -23.91 26.05 -5.89
CA VAL A 64 -23.94 25.20 -4.69
C VAL A 64 -24.14 26.06 -3.42
N LEU A 65 -23.90 27.36 -3.57
CA LEU A 65 -24.02 28.34 -2.47
C LEU A 65 -25.48 28.70 -2.17
N GLU A 66 -26.30 28.74 -3.21
CA GLU A 66 -27.72 29.08 -3.10
C GLU A 66 -28.65 27.86 -3.03
N SER A 67 -28.05 26.66 -3.06
CA SER A 67 -28.80 25.41 -3.01
C SER A 67 -29.20 25.01 -1.58
N LEU A 68 -30.31 24.28 -1.46
CA LEU A 68 -30.84 23.81 -0.18
C LEU A 68 -30.09 22.62 0.38
N THR A 69 -29.71 21.68 -0.50
CA THR A 69 -28.97 20.48 -0.13
C THR A 69 -27.55 20.54 -0.74
N PRO A 70 -26.53 20.85 0.09
CA PRO A 70 -25.14 20.95 -0.39
C PRO A 70 -24.38 19.62 -0.59
N ALA A 71 -24.77 18.60 0.17
CA ALA A 71 -24.12 17.28 0.12
C ALA A 71 -24.44 16.44 -1.12
N GLU A 72 -25.61 16.67 -1.70
CA GLU A 72 -26.06 15.94 -2.90
C GLU A 72 -25.58 16.55 -4.22
N VAL A 73 -25.00 17.76 -4.13
CA VAL A 73 -24.50 18.47 -5.31
C VAL A 73 -22.99 18.24 -5.48
N ILE A 74 -22.23 18.31 -4.38
CA ILE A 74 -20.77 18.11 -4.39
C ILE A 74 -20.38 16.66 -4.71
N LEU A 75 -21.18 15.71 -4.23
CA LEU A 75 -20.96 14.28 -4.47
C LEU A 75 -21.30 13.90 -5.92
N ALA A 76 -22.21 14.66 -6.52
CA ALA A 76 -22.65 14.45 -7.90
C ALA A 76 -21.72 15.09 -8.95
N THR A 77 -20.97 16.11 -8.53
CA THR A 77 -20.02 16.81 -9.40
C THR A 77 -18.70 16.04 -9.53
N VAL A 78 -18.28 15.40 -8.44
CA VAL A 78 -17.05 14.60 -8.39
C VAL A 78 -17.25 13.24 -9.09
N TYR A 79 -18.49 12.76 -9.09
CA TYR A 79 -18.85 11.47 -9.71
C TYR A 79 -18.91 11.59 -11.24
N GLU A 80 -19.29 12.77 -11.73
CA GLU A 80 -19.38 13.04 -13.16
C GLU A 80 -18.10 13.59 -13.78
N ALA A 81 -17.24 14.17 -12.93
CA ALA A 81 -15.95 14.72 -13.37
C ALA A 81 -14.86 13.66 -13.46
N LEU A 82 -14.99 12.62 -12.62
CA LEU A 82 -14.06 11.50 -12.59
C LEU A 82 -14.38 10.51 -13.71
N LYS A 83 -15.67 10.47 -14.10
CA LYS A 83 -16.17 9.61 -15.16
C LYS A 83 -15.71 10.12 -16.53
N GLU A 84 -15.65 11.45 -16.67
CA GLU A 84 -15.23 12.12 -17.89
C GLU A 84 -13.70 12.16 -18.02
N ALA A 85 -13.01 12.10 -16.86
CA ALA A 85 -11.54 12.13 -16.80
C ALA A 85 -10.89 10.78 -17.07
N LEU A 86 -11.68 9.71 -17.00
CA LEU A 86 -11.19 8.35 -17.24
C LEU A 86 -11.48 7.86 -18.67
N GLY A 87 -12.49 8.46 -19.30
CA GLY A 87 -12.85 8.09 -20.66
C GLY A 87 -14.25 8.48 -21.09
N GLY A 88 -15.21 8.38 -20.16
CA GLY A 88 -16.60 8.71 -20.45
C GLY A 88 -17.42 7.45 -20.55
N GLU A 89 -17.42 6.85 -21.75
CA GLU A 89 -18.15 5.62 -22.03
C GLU A 89 -17.15 4.52 -22.41
N ALA A 90 -17.65 3.30 -22.62
CA ALA A 90 -16.83 2.15 -22.99
C ALA A 90 -16.51 2.17 -24.49
N ARG A 91 -15.31 2.65 -24.82
CA ARG A 91 -14.85 2.75 -26.20
C ARG A 91 -13.81 1.68 -26.54
N LEU A 92 -14.03 1.02 -27.69
CA LEU A 92 -13.16 -0.04 -28.20
C LEU A 92 -12.31 0.51 -29.36
N PRO A 93 -11.07 -0.02 -29.56
CA PRO A 93 -10.19 0.46 -30.65
C PRO A 93 -10.73 0.22 -32.07
N VAL A 94 -10.29 1.06 -33.00
CA VAL A 94 -10.70 1.00 -34.40
C VAL A 94 -9.95 -0.12 -35.13
N LEU A 95 -10.71 -1.09 -35.63
CA LEU A 95 -10.17 -2.24 -36.35
C LEU A 95 -10.04 -1.99 -37.86
N LYS A 96 -8.80 -2.04 -38.35
CA LYS A 96 -8.47 -1.83 -39.75
C LYS A 96 -8.26 -3.18 -40.46
N ASP A 97 -7.65 -3.15 -41.65
CA ASP A 97 -7.37 -4.36 -42.43
C ASP A 97 -6.08 -5.04 -41.93
N ARG A 98 -5.15 -4.21 -41.43
CA ARG A 98 -3.88 -4.67 -40.89
C ARG A 98 -3.60 -3.89 -39.60
N ASN A 99 -3.64 -4.61 -38.47
CA ASN A 99 -3.40 -4.02 -37.15
C ASN A 99 -2.11 -4.54 -36.53
N LEU A 100 -1.32 -3.61 -36.00
CA LEU A 100 -0.05 -3.93 -35.34
C LEU A 100 -0.08 -3.28 -33.96
N TRP A 101 -0.31 -4.11 -32.94
CA TRP A 101 -0.39 -3.65 -31.54
C TRP A 101 0.90 -3.90 -30.76
N PHE A 102 1.17 -2.99 -29.80
CA PHE A 102 2.37 -3.05 -28.95
C PHE A 102 1.99 -3.10 -27.47
N LEU A 103 2.66 -3.98 -26.72
CA LEU A 103 2.43 -4.13 -25.28
C LEU A 103 3.70 -3.80 -24.48
N VAL A 104 3.75 -2.57 -23.97
CA VAL A 104 4.89 -2.09 -23.17
C VAL A 104 4.53 -1.89 -21.69
N GLY A 105 5.56 -1.84 -20.84
CA GLY A 105 5.33 -1.65 -19.40
C GLY A 105 6.57 -1.80 -18.53
N LEU A 106 6.33 -1.91 -17.22
CA LEU A 106 7.39 -2.04 -16.22
C LEU A 106 7.66 -3.51 -15.84
N GLN A 107 8.54 -3.73 -14.86
CA GLN A 107 8.89 -5.06 -14.39
C GLN A 107 7.90 -5.58 -13.34
N GLY A 108 7.27 -6.72 -13.66
CA GLY A 108 6.30 -7.33 -12.77
C GLY A 108 4.89 -6.77 -12.91
N SER A 109 4.62 -6.16 -14.06
CA SER A 109 3.30 -5.57 -14.36
C SER A 109 2.34 -6.58 -14.98
N GLY A 110 2.89 -7.58 -15.67
CA GLY A 110 2.10 -8.60 -16.31
C GLY A 110 1.80 -8.30 -17.77
N LYS A 111 2.84 -8.30 -18.59
CA LYS A 111 2.73 -8.03 -20.03
C LYS A 111 2.47 -9.31 -20.80
N THR A 112 3.03 -10.41 -20.30
CA THR A 112 2.91 -11.74 -20.90
C THR A 112 1.54 -12.36 -20.56
N THR A 113 0.93 -11.88 -19.49
CA THR A 113 -0.38 -12.35 -19.02
C THR A 113 -1.52 -11.67 -19.79
N THR A 114 -1.29 -10.42 -20.20
CA THR A 114 -2.26 -9.63 -20.97
C THR A 114 -2.26 -9.99 -22.46
N ALA A 115 -1.15 -10.58 -22.92
CA ALA A 115 -0.97 -11.00 -24.31
C ALA A 115 -1.78 -12.24 -24.67
N ALA A 116 -2.15 -13.01 -23.65
CA ALA A 116 -2.94 -14.24 -23.81
C ALA A 116 -4.44 -13.96 -23.71
N LYS A 117 -4.78 -12.80 -23.15
CA LYS A 117 -6.17 -12.35 -22.97
C LYS A 117 -6.75 -11.74 -24.25
N LEU A 118 -5.91 -11.01 -24.98
CA LEU A 118 -6.28 -10.35 -26.23
C LEU A 118 -6.28 -11.30 -27.44
N ALA A 119 -5.77 -12.51 -27.22
CA ALA A 119 -5.68 -13.54 -28.24
C ALA A 119 -6.89 -14.49 -28.26
N LEU A 120 -7.77 -14.33 -27.27
CA LEU A 120 -8.97 -15.16 -27.14
C LEU A 120 -10.26 -14.34 -27.29
N TYR A 121 -10.18 -13.05 -26.95
CA TYR A 121 -11.31 -12.13 -27.02
C TYR A 121 -11.71 -11.76 -28.47
N TYR A 122 -10.72 -11.65 -29.33
CA TYR A 122 -10.93 -11.31 -30.74
C TYR A 122 -11.01 -12.52 -31.68
N LYS A 123 -10.73 -13.71 -31.14
CA LYS A 123 -10.76 -14.97 -31.90
C LYS A 123 -12.19 -15.46 -32.13
N GLY A 124 -13.07 -15.20 -31.15
CA GLY A 124 -14.47 -15.60 -31.24
C GLY A 124 -15.37 -14.63 -31.99
N LYS A 125 -14.86 -13.45 -32.29
CA LYS A 125 -15.60 -12.41 -33.00
C LYS A 125 -15.45 -12.50 -34.52
N GLY A 126 -14.24 -12.82 -34.98
CA GLY A 126 -13.98 -12.94 -36.41
C GLY A 126 -12.58 -12.59 -36.85
N ARG A 127 -11.76 -12.09 -35.93
CA ARG A 127 -10.37 -11.70 -36.23
C ARG A 127 -9.39 -12.84 -35.93
N ARG A 128 -8.28 -12.86 -36.65
CA ARG A 128 -7.23 -13.88 -36.49
C ARG A 128 -5.97 -13.31 -35.84
N PRO A 129 -5.66 -13.70 -34.58
CA PRO A 129 -4.47 -13.22 -33.84
C PRO A 129 -3.12 -13.86 -34.21
N LEU A 130 -2.05 -13.19 -33.77
CA LEU A 130 -0.66 -13.62 -34.00
C LEU A 130 0.21 -13.07 -32.86
N LEU A 131 0.99 -13.94 -32.22
CA LEU A 131 1.87 -13.56 -31.11
C LEU A 131 3.35 -13.50 -31.46
N VAL A 132 4.00 -12.41 -31.06
CA VAL A 132 5.44 -12.18 -31.27
C VAL A 132 6.07 -11.90 -29.90
N ALA A 133 7.20 -12.55 -29.62
CA ALA A 133 7.91 -12.38 -28.36
C ALA A 133 9.29 -11.72 -28.55
N ALA A 134 9.41 -10.48 -28.09
CA ALA A 134 10.66 -9.70 -28.20
C ALA A 134 11.45 -9.66 -26.89
N ASP A 135 11.02 -10.45 -25.91
CA ASP A 135 11.68 -10.53 -24.59
C ASP A 135 12.85 -11.51 -24.65
N THR A 136 14.07 -10.98 -24.56
CA THR A 136 15.30 -11.77 -24.61
C THR A 136 16.15 -11.72 -23.34
N GLN A 137 16.01 -10.63 -22.56
CA GLN A 137 16.77 -10.44 -21.32
C GLN A 137 16.30 -11.24 -20.11
N ARG A 138 15.00 -11.55 -20.08
CA ARG A 138 14.40 -12.33 -18.99
C ARG A 138 14.42 -13.83 -19.33
N PRO A 139 14.99 -14.67 -18.42
CA PRO A 139 15.07 -16.13 -18.65
C PRO A 139 13.70 -16.82 -18.61
N ALA A 140 13.50 -17.74 -19.58
CA ALA A 140 12.26 -18.53 -19.76
C ALA A 140 11.01 -17.69 -20.07
N ALA A 141 11.21 -16.56 -20.73
CA ALA A 141 10.14 -15.64 -21.12
C ALA A 141 9.52 -16.01 -22.46
N ARG A 142 10.33 -16.64 -23.32
CA ARG A 142 9.91 -17.10 -24.65
C ARG A 142 9.20 -18.45 -24.55
N GLU A 143 9.36 -19.10 -23.39
CA GLU A 143 8.76 -20.39 -23.08
C GLU A 143 7.42 -20.18 -22.36
N GLN A 144 7.28 -19.00 -21.73
CA GLN A 144 6.08 -18.63 -20.98
C GLN A 144 4.89 -18.30 -21.90
N LEU A 145 5.18 -17.66 -23.03
CA LEU A 145 4.16 -17.27 -24.01
C LEU A 145 3.80 -18.45 -24.95
N ARG A 146 4.68 -19.45 -24.97
CA ARG A 146 4.50 -20.66 -25.79
C ARG A 146 3.51 -21.63 -25.12
N LEU A 147 3.46 -21.60 -23.79
CA LEU A 147 2.56 -22.44 -23.00
C LEU A 147 1.16 -21.83 -22.91
N LEU A 148 1.11 -20.49 -22.95
CA LEU A 148 -0.15 -19.74 -22.90
C LEU A 148 -0.74 -19.58 -24.30
N GLY A 149 0.09 -19.80 -25.32
CA GLY A 149 -0.34 -19.71 -26.72
C GLY A 149 -0.89 -21.02 -27.24
N GLU A 150 -0.60 -22.11 -26.52
CA GLU A 150 -1.06 -23.46 -26.86
C GLU A 150 -2.41 -23.73 -26.16
N LYS A 151 -2.68 -22.95 -25.12
CA LYS A 151 -3.92 -23.03 -24.33
C LYS A 151 -5.10 -22.42 -25.09
N VAL A 152 -4.81 -21.37 -25.85
CA VAL A 152 -5.82 -20.66 -26.64
C VAL A 152 -5.86 -21.13 -28.10
N GLY A 153 -4.72 -21.57 -28.63
CA GLY A 153 -4.63 -22.05 -30.00
C GLY A 153 -4.11 -21.04 -31.01
N VAL A 154 -3.21 -20.17 -30.57
CA VAL A 154 -2.61 -19.13 -31.41
C VAL A 154 -1.10 -19.39 -31.56
N PRO A 155 -0.58 -19.46 -32.82
CA PRO A 155 0.85 -19.71 -33.08
C PRO A 155 1.78 -18.55 -32.66
N VAL A 156 2.86 -18.90 -31.96
CA VAL A 156 3.84 -17.94 -31.45
C VAL A 156 5.10 -17.87 -32.32
N LEU A 157 5.63 -16.65 -32.48
CA LEU A 157 6.85 -16.38 -33.24
C LEU A 157 7.95 -16.00 -32.25
N GLU A 158 9.03 -16.77 -32.25
CA GLU A 158 10.17 -16.54 -31.35
C GLU A 158 11.32 -15.80 -32.03
N VAL A 159 11.79 -14.73 -31.38
CA VAL A 159 12.91 -13.92 -31.88
C VAL A 159 14.21 -14.37 -31.21
N MET A 160 15.28 -14.42 -31.99
CA MET A 160 16.61 -14.83 -31.53
C MET A 160 17.36 -13.73 -30.76
N ASP A 161 18.43 -14.14 -30.07
CA ASP A 161 19.25 -13.23 -29.27
C ASP A 161 20.23 -12.41 -30.12
N GLY A 162 20.08 -11.09 -30.05
CA GLY A 162 20.92 -10.17 -30.81
C GLY A 162 20.50 -10.01 -32.25
N GLU A 163 19.22 -9.75 -32.47
CA GLU A 163 18.66 -9.56 -33.81
C GLU A 163 18.34 -8.10 -34.09
N SER A 164 18.56 -7.68 -35.34
CA SER A 164 18.32 -6.32 -35.81
C SER A 164 16.82 -6.06 -36.09
N PRO A 165 16.32 -4.82 -35.83
CA PRO A 165 14.91 -4.45 -36.06
C PRO A 165 14.40 -4.57 -37.50
N GLU A 166 15.32 -4.67 -38.46
CA GLU A 166 14.99 -4.80 -39.88
C GLU A 166 14.78 -6.26 -40.29
N SER A 167 15.32 -7.18 -39.49
CA SER A 167 15.21 -8.63 -39.72
C SER A 167 13.95 -9.24 -39.09
N ILE A 168 13.36 -8.51 -38.13
CA ILE A 168 12.14 -8.96 -37.43
C ILE A 168 10.90 -8.72 -38.32
N ARG A 169 10.92 -7.60 -39.04
CA ARG A 169 9.84 -7.19 -39.95
C ARG A 169 9.73 -8.10 -41.19
N ARG A 170 10.84 -8.79 -41.49
CA ARG A 170 10.94 -9.70 -42.64
C ARG A 170 10.19 -11.03 -42.40
N ARG A 171 10.08 -11.42 -41.12
CA ARG A 171 9.40 -12.66 -40.74
C ARG A 171 7.94 -12.46 -40.32
N VAL A 172 7.59 -11.23 -39.94
CA VAL A 172 6.22 -10.89 -39.51
C VAL A 172 5.30 -10.71 -40.73
N GLU A 173 5.82 -10.10 -41.79
CA GLU A 173 5.07 -9.85 -43.03
C GLU A 173 4.96 -11.09 -43.93
N GLU A 174 5.74 -12.12 -43.59
CA GLU A 174 5.77 -13.39 -44.34
C GLU A 174 4.76 -14.38 -43.77
N LYS A 175 4.59 -14.37 -42.44
CA LYS A 175 3.67 -15.27 -41.74
C LYS A 175 2.23 -14.74 -41.73
N ALA A 176 2.08 -13.44 -41.93
CA ALA A 176 0.77 -12.78 -41.96
C ALA A 176 0.16 -12.71 -43.36
N ARG A 177 0.86 -13.29 -44.34
CA ARG A 177 0.42 -13.30 -45.73
C ARG A 177 0.00 -14.71 -46.16
N LEU A 178 0.73 -15.72 -45.68
CA LEU A 178 0.47 -17.13 -45.99
C LEU A 178 -0.68 -17.72 -45.17
N GLU A 179 -0.69 -17.40 -43.87
CA GLU A 179 -1.72 -17.89 -42.94
C GLU A 179 -2.89 -16.89 -42.80
N ALA A 180 -2.71 -15.70 -43.39
CA ALA A 180 -3.69 -14.60 -43.39
C ALA A 180 -4.09 -14.07 -42.01
N ARG A 181 -3.10 -13.58 -41.28
CA ARG A 181 -3.29 -13.02 -39.93
C ARG A 181 -3.40 -11.50 -40.01
N ASP A 182 -4.40 -10.95 -39.32
CA ASP A 182 -4.66 -9.51 -39.30
C ASP A 182 -4.18 -8.78 -38.04
N LEU A 183 -4.42 -9.38 -36.88
CA LEU A 183 -4.03 -8.80 -35.59
C LEU A 183 -2.65 -9.33 -35.14
N ILE A 184 -1.68 -8.42 -35.06
CA ILE A 184 -0.32 -8.76 -34.64
C ILE A 184 -0.07 -8.16 -33.25
N LEU A 185 0.24 -9.03 -32.29
CA LEU A 185 0.51 -8.64 -30.90
C LEU A 185 2.00 -8.79 -30.58
N VAL A 186 2.66 -7.66 -30.30
CA VAL A 186 4.08 -7.63 -29.96
C VAL A 186 4.27 -7.47 -28.45
N ASP A 187 4.97 -8.43 -27.84
CA ASP A 187 5.25 -8.43 -26.41
C ASP A 187 6.72 -8.08 -26.17
N THR A 188 6.94 -6.91 -25.56
CA THR A 188 8.29 -6.41 -25.27
C THR A 188 8.78 -6.74 -23.85
N ALA A 189 10.01 -6.34 -23.55
CA ALA A 189 10.66 -6.58 -22.25
C ALA A 189 10.38 -5.49 -21.22
N GLY A 190 10.66 -5.81 -19.95
CA GLY A 190 10.45 -4.89 -18.85
C GLY A 190 11.60 -3.91 -18.67
N ARG A 191 11.29 -2.62 -18.80
CA ARG A 191 12.29 -1.56 -18.67
C ARG A 191 11.82 -0.38 -17.81
N LEU A 192 12.78 0.38 -17.28
CA LEU A 192 12.52 1.54 -16.43
C LEU A 192 12.33 2.83 -17.23
N GLN A 193 11.97 3.90 -16.52
CA GLN A 193 11.74 5.22 -17.12
C GLN A 193 13.01 6.07 -17.27
N ILE A 194 13.99 5.83 -16.39
CA ILE A 194 15.25 6.56 -16.39
C ILE A 194 16.41 5.88 -17.15
N ASP A 195 16.20 4.61 -17.53
CA ASP A 195 17.19 3.82 -18.26
C ASP A 195 17.15 4.20 -19.75
N GLU A 196 18.24 4.82 -20.23
CA GLU A 196 18.36 5.26 -21.62
C GLU A 196 18.72 4.25 -22.73
N PRO A 197 19.58 3.22 -22.45
CA PRO A 197 19.93 2.26 -23.51
C PRO A 197 18.77 1.35 -23.99
N LEU A 198 17.81 1.10 -23.12
CA LEU A 198 16.65 0.26 -23.42
C LEU A 198 15.48 1.04 -24.02
N MET A 199 15.41 2.34 -23.73
CA MET A 199 14.36 3.22 -24.25
C MET A 199 14.67 3.73 -25.65
N GLY A 200 15.96 3.67 -26.03
CA GLY A 200 16.41 4.10 -27.33
C GLY A 200 16.28 2.99 -28.37
N GLU A 201 16.12 1.77 -27.86
CA GLU A 201 15.96 0.56 -28.68
C GLU A 201 14.47 0.35 -28.98
N LEU A 202 13.62 0.88 -28.09
CA LEU A 202 12.16 0.78 -28.20
C LEU A 202 11.62 1.82 -29.19
N ALA A 203 12.34 2.94 -29.29
CA ALA A 203 11.99 4.05 -30.19
C ALA A 203 12.41 3.73 -31.63
N ARG A 204 13.37 2.80 -31.76
CA ARG A 204 13.89 2.35 -33.05
C ARG A 204 13.01 1.22 -33.60
N LEU A 205 12.38 0.47 -32.68
CA LEU A 205 11.50 -0.65 -33.01
C LEU A 205 10.12 -0.15 -33.46
N LYS A 206 9.82 1.11 -33.12
CA LYS A 206 8.56 1.78 -33.47
C LYS A 206 8.64 2.43 -34.87
N GLU A 207 9.85 2.85 -35.23
CA GLU A 207 10.12 3.51 -36.51
C GLU A 207 10.16 2.58 -37.73
N VAL A 208 10.66 1.36 -37.53
CA VAL A 208 10.78 0.37 -38.60
C VAL A 208 9.45 -0.35 -38.90
N LEU A 209 8.78 -0.83 -37.84
CA LEU A 209 7.51 -1.53 -37.97
C LEU A 209 6.32 -0.63 -38.32
N GLY A 210 6.17 0.46 -37.57
CA GLY A 210 5.09 1.42 -37.79
C GLY A 210 3.73 1.00 -37.27
N PRO A 211 3.50 0.96 -35.93
CA PRO A 211 2.20 0.57 -35.35
C PRO A 211 1.12 1.65 -35.37
N ASP A 212 -0.09 1.26 -34.98
CA ASP A 212 -1.25 2.16 -34.92
C ASP A 212 -1.72 2.41 -33.48
N GLU A 213 -1.82 1.33 -32.70
CA GLU A 213 -2.26 1.39 -31.30
C GLU A 213 -1.19 0.82 -30.36
N VAL A 214 -0.62 1.70 -29.54
CA VAL A 214 0.41 1.33 -28.56
C VAL A 214 -0.23 1.30 -27.17
N LEU A 215 -0.34 0.09 -26.61
CA LEU A 215 -0.94 -0.12 -25.28
C LEU A 215 0.10 -0.19 -24.17
N LEU A 216 -0.18 0.52 -23.08
CA LEU A 216 0.71 0.56 -21.91
C LEU A 216 0.08 -0.21 -20.75
N VAL A 217 0.74 -1.29 -20.33
CA VAL A 217 0.29 -2.15 -19.24
C VAL A 217 0.80 -1.58 -17.90
N LEU A 218 -0.11 -1.00 -17.14
CA LEU A 218 0.20 -0.41 -15.83
C LEU A 218 -0.54 -1.17 -14.73
N ASP A 219 0.14 -1.38 -13.60
CA ASP A 219 -0.43 -2.09 -12.45
C ASP A 219 -1.25 -1.17 -11.55
N ALA A 220 -2.10 -1.78 -10.73
CA ALA A 220 -2.99 -1.07 -9.81
C ALA A 220 -2.34 -0.71 -8.47
N MET A 221 -1.20 -1.34 -8.17
CA MET A 221 -0.46 -1.11 -6.93
C MET A 221 0.69 -0.08 -7.05
N THR A 222 0.67 0.70 -8.12
CA THR A 222 1.69 1.73 -8.39
C THR A 222 1.34 2.99 -7.59
N GLY A 223 2.32 3.46 -6.79
CA GLY A 223 2.13 4.64 -5.96
C GLY A 223 2.17 6.01 -6.59
N GLN A 224 3.06 6.87 -6.07
CA GLN A 224 3.23 8.24 -6.53
C GLN A 224 4.08 8.38 -7.81
N GLU A 225 4.76 7.30 -8.18
CA GLU A 225 5.62 7.26 -9.37
C GLU A 225 4.86 6.90 -10.66
N ALA A 226 3.56 7.15 -10.67
CA ALA A 226 2.69 6.86 -11.83
C ALA A 226 2.72 7.96 -12.89
N LEU A 227 3.22 9.13 -12.51
CA LEU A 227 3.31 10.30 -13.41
C LEU A 227 4.63 10.29 -14.19
N SER A 228 5.68 9.76 -13.57
CA SER A 228 7.02 9.69 -14.15
C SER A 228 7.17 8.62 -15.26
N VAL A 229 6.28 7.62 -15.23
CA VAL A 229 6.28 6.53 -16.22
C VAL A 229 5.49 6.95 -17.48
N ALA A 230 4.36 7.61 -17.27
CA ALA A 230 3.48 8.06 -18.36
C ALA A 230 4.00 9.25 -19.17
N ARG A 231 4.92 10.03 -18.59
CA ARG A 231 5.51 11.19 -19.25
C ARG A 231 6.75 10.81 -20.08
N ALA A 232 7.47 9.80 -19.61
CA ALA A 232 8.68 9.31 -20.27
C ALA A 232 8.39 8.40 -21.46
N PHE A 233 7.27 7.69 -21.41
CA PHE A 233 6.86 6.77 -22.48
C PHE A 233 6.03 7.43 -23.59
N ASP A 234 5.70 8.72 -23.40
CA ASP A 234 4.92 9.48 -24.38
C ASP A 234 5.78 10.40 -25.25
N GLU A 235 6.76 11.05 -24.62
CA GLU A 235 7.67 11.98 -25.31
C GLU A 235 8.79 11.30 -26.10
N LYS A 236 9.27 10.17 -25.58
CA LYS A 236 10.35 9.40 -26.22
C LYS A 236 9.82 8.37 -27.22
N VAL A 237 8.82 7.59 -26.80
CA VAL A 237 8.20 6.55 -27.64
C VAL A 237 6.90 7.08 -28.27
N GLY A 238 5.80 6.98 -27.53
CA GLY A 238 4.51 7.44 -28.02
C GLY A 238 3.37 6.51 -27.67
N VAL A 239 2.70 6.78 -26.55
CA VAL A 239 1.57 5.98 -26.06
C VAL A 239 0.23 6.52 -26.58
N THR A 240 -0.58 5.61 -27.12
CA THR A 240 -1.90 5.93 -27.66
C THR A 240 -3.04 5.20 -26.93
N GLY A 241 -2.67 4.32 -26.00
CA GLY A 241 -3.65 3.55 -25.24
C GLY A 241 -3.13 3.03 -23.90
N LEU A 242 -4.05 2.78 -22.97
CA LEU A 242 -3.71 2.29 -21.63
C LEU A 242 -4.54 1.07 -21.20
N VAL A 243 -3.89 0.17 -20.46
CA VAL A 243 -4.52 -1.06 -19.94
C VAL A 243 -4.21 -1.12 -18.43
N LEU A 244 -5.25 -1.39 -17.63
CA LEU A 244 -5.11 -1.49 -16.17
C LEU A 244 -5.38 -2.92 -15.71
N THR A 245 -4.31 -3.63 -15.34
CA THR A 245 -4.40 -5.01 -14.88
C THR A 245 -4.39 -5.17 -13.36
N LYS A 246 -4.71 -6.39 -12.91
CA LYS A 246 -4.77 -6.79 -11.49
C LYS A 246 -5.76 -6.02 -10.60
N LEU A 247 -7.04 -6.20 -10.88
CA LEU A 247 -8.13 -5.55 -10.14
C LEU A 247 -8.95 -6.59 -9.36
N ASP A 248 -8.30 -7.68 -8.98
CA ASP A 248 -8.93 -8.78 -8.25
C ASP A 248 -8.82 -8.69 -6.72
N GLY A 249 -7.76 -8.01 -6.25
CA GLY A 249 -7.53 -7.86 -4.82
C GLY A 249 -8.21 -6.67 -4.15
N ASP A 250 -7.56 -6.14 -3.12
CA ASP A 250 -8.07 -5.00 -2.36
C ASP A 250 -7.55 -3.64 -2.86
N ALA A 251 -6.99 -3.65 -4.08
CA ALA A 251 -6.44 -2.45 -4.72
C ALA A 251 -7.54 -1.56 -5.29
N ARG A 252 -7.35 -0.25 -5.18
CA ARG A 252 -8.31 0.75 -5.66
C ARG A 252 -8.18 1.02 -7.16
N GLY A 253 -6.94 1.14 -7.64
CA GLY A 253 -6.67 1.40 -9.04
C GLY A 253 -6.73 2.86 -9.42
N GLY A 254 -5.98 3.69 -8.69
CA GLY A 254 -5.95 5.12 -8.94
C GLY A 254 -4.80 5.59 -9.81
N ALA A 255 -4.05 4.64 -10.35
CA ALA A 255 -2.89 4.91 -11.22
C ALA A 255 -3.31 5.25 -12.65
N ALA A 256 -4.60 5.05 -12.94
CA ALA A 256 -5.19 5.32 -14.26
C ALA A 256 -5.54 6.80 -14.46
N LEU A 257 -5.65 7.53 -13.35
CA LEU A 257 -5.99 8.96 -13.36
C LEU A 257 -4.74 9.82 -13.59
N SER A 258 -3.61 9.36 -13.06
CA SER A 258 -2.32 10.05 -13.19
C SER A 258 -1.64 9.83 -14.54
N ALA A 259 -2.20 8.92 -15.33
CA ALA A 259 -1.67 8.58 -16.65
C ALA A 259 -2.36 9.28 -17.82
N ARG A 260 -3.65 9.60 -17.66
CA ARG A 260 -4.43 10.26 -18.71
C ARG A 260 -4.39 11.80 -18.65
N HIS A 261 -4.04 12.35 -17.48
CA HIS A 261 -3.97 13.80 -17.28
C HIS A 261 -2.79 14.47 -18.01
N VAL A 262 -1.71 13.70 -18.23
CA VAL A 262 -0.52 14.20 -18.90
C VAL A 262 -0.49 13.85 -20.41
N THR A 263 -1.08 12.72 -20.77
CA THR A 263 -1.12 12.25 -22.16
C THR A 263 -2.35 12.73 -22.93
N GLY A 264 -3.54 12.48 -22.37
CA GLY A 264 -4.79 12.86 -23.01
C GLY A 264 -5.37 11.75 -23.86
N LYS A 265 -4.84 10.54 -23.69
CA LYS A 265 -5.26 9.35 -24.43
C LYS A 265 -6.15 8.43 -23.56
N PRO A 266 -7.28 7.94 -24.11
CA PRO A 266 -8.21 7.05 -23.38
C PRO A 266 -7.75 5.65 -23.02
N ILE A 267 -8.37 5.10 -21.97
CA ILE A 267 -8.09 3.75 -21.46
C ILE A 267 -9.07 2.79 -22.15
N TYR A 268 -8.56 1.66 -22.61
CA TYR A 268 -9.38 0.67 -23.34
C TYR A 268 -9.79 -0.62 -22.62
N PHE A 269 -8.82 -1.40 -22.16
CA PHE A 269 -9.10 -2.68 -21.48
C PHE A 269 -8.77 -2.75 -20.00
N ALA A 270 -9.31 -3.78 -19.33
CA ALA A 270 -9.12 -4.03 -17.91
C ALA A 270 -9.08 -5.53 -17.60
N GLY A 271 -8.16 -5.92 -16.71
CA GLY A 271 -8.01 -7.32 -16.32
C GLY A 271 -8.52 -7.60 -14.91
N VAL A 272 -9.39 -8.60 -14.79
CA VAL A 272 -9.99 -8.98 -13.51
C VAL A 272 -9.52 -10.34 -12.95
N SER A 273 -8.86 -11.14 -13.78
CA SER A 273 -8.37 -12.47 -13.37
C SER A 273 -7.03 -12.80 -14.04
N GLU A 274 -6.41 -13.88 -13.56
CA GLU A 274 -5.11 -14.36 -14.09
C GLU A 274 -5.27 -15.31 -15.27
N LYS A 275 -6.51 -15.80 -15.47
CA LYS A 275 -6.87 -16.72 -16.56
C LYS A 275 -7.10 -15.95 -17.87
N PRO A 276 -6.78 -16.57 -19.04
CA PRO A 276 -6.98 -15.93 -20.36
C PRO A 276 -8.42 -15.59 -20.74
N GLU A 277 -9.38 -16.10 -19.96
CA GLU A 277 -10.81 -15.86 -20.19
C GLU A 277 -11.30 -14.61 -19.46
N GLY A 278 -10.52 -14.17 -18.46
CA GLY A 278 -10.87 -13.01 -17.66
C GLY A 278 -10.48 -11.66 -18.23
N LEU A 279 -11.28 -11.16 -19.17
CA LEU A 279 -11.07 -9.86 -19.80
C LEU A 279 -12.42 -9.21 -20.12
N GLU A 280 -12.60 -7.99 -19.62
CA GLU A 280 -13.82 -7.20 -19.82
C GLU A 280 -13.45 -5.75 -20.14
N PRO A 281 -14.26 -5.04 -20.98
CA PRO A 281 -13.97 -3.64 -21.33
C PRO A 281 -14.00 -2.68 -20.13
N PHE A 282 -13.27 -1.57 -20.26
CA PHE A 282 -13.17 -0.55 -19.21
C PHE A 282 -14.45 0.25 -19.05
N TYR A 283 -15.00 0.22 -17.82
CA TYR A 283 -16.21 0.94 -17.47
C TYR A 283 -15.84 2.07 -16.51
N PRO A 284 -15.96 3.35 -16.96
CA PRO A 284 -15.64 4.53 -16.13
C PRO A 284 -16.66 4.80 -15.01
N GLU A 285 -17.68 3.95 -14.94
CA GLU A 285 -18.75 4.04 -13.94
C GLU A 285 -18.46 3.11 -12.76
N ARG A 286 -17.76 2.00 -13.05
CA ARG A 286 -17.39 0.99 -12.03
C ARG A 286 -16.18 1.44 -11.20
N LEU A 287 -15.22 2.09 -11.86
CA LEU A 287 -14.00 2.58 -11.19
C LEU A 287 -14.25 3.91 -10.47
N ALA A 288 -15.39 4.53 -10.76
CA ALA A 288 -15.79 5.81 -10.15
C ALA A 288 -16.30 5.60 -8.72
N GLY A 289 -16.64 4.36 -8.39
CA GLY A 289 -17.12 4.00 -7.07
C GLY A 289 -16.14 3.13 -6.31
N ARG A 290 -14.95 2.95 -6.88
CA ARG A 290 -13.88 2.14 -6.27
C ARG A 290 -12.79 3.02 -5.68
N ILE A 291 -12.48 4.13 -6.37
CA ILE A 291 -11.46 5.09 -5.93
C ILE A 291 -12.04 5.94 -4.78
N LEU A 292 -13.33 6.25 -4.90
CA LEU A 292 -14.05 7.03 -3.88
C LEU A 292 -14.61 6.10 -2.80
N GLY A 293 -14.56 4.79 -3.08
CA GLY A 293 -15.05 3.79 -2.14
C GLY A 293 -13.96 2.91 -1.56
N MET A 294 -14.29 1.90 -0.92
N LYS C 10 -4.52 -28.14 4.08
CA LYS C 10 -3.75 -29.25 4.72
C LYS C 10 -4.58 -30.54 4.77
N VAL C 11 -5.75 -30.50 4.15
CA VAL C 11 -6.69 -31.63 4.11
C VAL C 11 -6.29 -32.71 3.08
N LEU C 12 -5.68 -32.28 1.98
CA LEU C 12 -5.25 -33.18 0.90
C LEU C 12 -4.06 -34.08 1.28
N VAL C 13 -3.09 -33.51 2.00
CA VAL C 13 -1.89 -34.25 2.43
C VAL C 13 -2.18 -35.21 3.59
N ARG C 14 -3.30 -34.99 4.29
CA ARG C 14 -3.73 -35.84 5.41
C ARG C 14 -4.49 -37.06 4.89
N MET C 15 -5.09 -36.93 3.70
CA MET C 15 -5.84 -38.00 3.05
C MET C 15 -4.88 -38.99 2.37
N GLU C 16 -3.76 -38.45 1.86
CA GLU C 16 -2.72 -39.24 1.21
C GLU C 16 -1.87 -39.93 2.27
N ALA C 17 -1.85 -39.36 3.47
CA ALA C 17 -1.11 -39.88 4.63
C ALA C 17 -1.70 -41.18 5.18
N ILE C 18 -3.02 -41.33 5.02
CA ILE C 18 -3.77 -42.51 5.46
C ILE C 18 -3.59 -43.67 4.46
N ILE C 19 -3.40 -43.31 3.18
CA ILE C 19 -3.21 -44.29 2.10
C ILE C 19 -1.76 -44.80 2.06
N ASN C 20 -0.81 -43.97 2.50
CA ASN C 20 0.61 -44.33 2.54
C ASN C 20 0.98 -45.31 3.66
N SER C 21 0.13 -45.37 4.68
CA SER C 21 0.32 -46.26 5.83
C SER C 21 -0.33 -47.62 5.59
N MET C 22 -1.09 -47.72 4.49
CA MET C 22 -1.79 -48.94 4.09
C MET C 22 -0.92 -49.87 3.24
N THR C 23 -1.28 -51.15 3.24
CA THR C 23 -0.58 -52.18 2.45
C THR C 23 -1.23 -52.27 1.07
N MET C 24 -0.64 -53.09 0.18
CA MET C 24 -1.15 -53.26 -1.19
C MET C 24 -2.47 -54.05 -1.30
N LYS C 25 -2.84 -54.72 -0.20
CA LYS C 25 -4.08 -55.50 -0.13
C LYS C 25 -5.24 -54.65 0.41
N GLU C 26 -4.90 -53.57 1.11
CA GLU C 26 -5.88 -52.65 1.69
C GLU C 26 -6.27 -51.52 0.74
N ARG C 27 -5.41 -51.27 -0.26
CA ARG C 27 -5.64 -50.22 -1.27
C ARG C 27 -6.49 -50.73 -2.41
N ALA C 28 -6.32 -52.01 -2.75
CA ALA C 28 -7.05 -52.66 -3.84
C ALA C 28 -8.40 -53.21 -3.37
N LYS C 29 -8.52 -53.41 -2.06
CA LYS C 29 -9.75 -53.92 -1.43
C LYS C 29 -9.95 -53.14 -0.10
N PRO C 30 -10.73 -52.03 -0.13
CA PRO C 30 -11.01 -51.21 1.05
C PRO C 30 -11.98 -51.76 2.11
N GLU C 31 -12.70 -52.83 1.77
CA GLU C 31 -13.68 -53.44 2.68
C GLU C 31 -13.15 -54.37 3.79
N ILE C 32 -11.85 -54.70 3.72
CA ILE C 32 -11.23 -55.58 4.72
C ILE C 32 -10.67 -54.83 5.94
N ILE C 33 -10.69 -53.49 5.86
CA ILE C 33 -10.19 -52.61 6.93
C ILE C 33 -11.19 -52.55 8.09
N LYS C 34 -10.95 -53.38 9.10
CA LYS C 34 -11.79 -53.46 10.29
C LYS C 34 -11.16 -52.78 11.51
N GLY C 35 -11.69 -53.06 12.70
CA GLY C 35 -11.21 -52.47 13.95
C GLY C 35 -9.75 -52.69 14.37
N SER C 36 -9.17 -53.80 13.94
CA SER C 36 -7.78 -54.14 14.26
C SER C 36 -6.81 -53.46 13.29
N ARG C 37 -7.28 -53.21 12.08
CA ARG C 37 -6.48 -52.56 11.03
C ARG C 37 -6.55 -51.04 11.06
N LYS C 38 -7.66 -50.49 11.57
CA LYS C 38 -7.89 -49.04 11.68
C LYS C 38 -6.98 -48.35 12.69
N ARG C 39 -6.52 -49.10 13.70
CA ARG C 39 -5.64 -48.60 14.75
C ARG C 39 -4.16 -48.60 14.34
N ARG C 40 -3.83 -49.43 13.35
CA ARG C 40 -2.47 -49.56 12.83
C ARG C 40 -2.17 -48.43 11.84
N ILE C 41 -3.19 -48.07 11.07
CA ILE C 41 -3.12 -47.01 10.05
C ILE C 41 -3.18 -45.62 10.71
N ALA C 42 -3.87 -45.54 11.85
CA ALA C 42 -4.03 -44.30 12.62
C ALA C 42 -2.77 -43.92 13.38
N ALA C 43 -2.10 -44.92 13.95
CA ALA C 43 -0.87 -44.74 14.73
C ALA C 43 0.36 -44.59 13.83
N GLY C 44 0.23 -45.03 12.59
CA GLY C 44 1.32 -44.96 11.61
C GLY C 44 1.36 -43.66 10.83
N SER C 45 0.24 -42.93 10.84
CA SER C 45 0.13 -41.65 10.14
C SER C 45 0.12 -40.47 11.13
N GLY C 46 -0.23 -40.76 12.38
CA GLY C 46 -0.29 -39.74 13.42
C GLY C 46 -1.69 -39.18 13.62
N MET C 47 -2.67 -39.82 13.00
CA MET C 47 -4.08 -39.40 13.07
C MET C 47 -4.87 -40.26 14.06
N GLN C 48 -6.17 -39.95 14.19
CA GLN C 48 -7.09 -40.68 15.08
C GLN C 48 -7.88 -41.74 14.32
N VAL C 49 -8.76 -42.45 15.03
CA VAL C 49 -9.60 -43.51 14.45
C VAL C 49 -10.79 -42.92 13.66
N GLN C 50 -11.19 -41.70 14.04
CA GLN C 50 -12.31 -40.99 13.39
C GLN C 50 -11.95 -40.35 12.05
N ASP C 51 -10.64 -40.16 11.82
CA ASP C 51 -10.12 -39.56 10.58
C ASP C 51 -10.00 -40.59 9.45
N VAL C 52 -9.84 -41.85 9.83
CA VAL C 52 -9.71 -42.97 8.88
C VAL C 52 -11.10 -43.46 8.47
N ASN C 53 -11.91 -43.79 9.37
N ALA D 20 -3.06 29.65 6.47
CA ALA D 20 -3.00 30.48 7.72
C ALA D 20 -4.39 30.71 8.29
N ILE D 21 -4.52 30.56 9.61
CA ILE D 21 -5.78 30.75 10.32
C ILE D 21 -5.82 32.15 10.96
N PRO D 22 -6.79 33.01 10.55
CA PRO D 22 -6.89 34.36 11.12
C PRO D 22 -7.56 34.41 12.51
N TRP D 23 -6.74 34.63 13.54
CA TRP D 23 -7.21 34.71 14.92
C TRP D 23 -7.59 36.13 15.31
N GLY D 24 -8.89 36.37 15.51
CA GLY D 24 -9.39 37.68 15.89
C GLY D 24 -10.54 38.20 15.04
N GLY D 25 -11.16 37.31 14.28
CA GLY D 25 -12.28 37.68 13.42
C GLY D 25 -13.62 37.27 13.99
N ASN D 26 -14.55 36.91 13.10
CA ASN D 26 -15.90 36.47 13.48
C ASN D 26 -15.94 34.98 13.84
N LEU D 27 -17.00 34.58 14.55
CA LEU D 27 -17.22 33.20 15.01
C LEU D 27 -17.39 32.16 13.90
N GLU D 28 -17.86 32.59 12.73
CA GLU D 28 -18.09 31.72 11.58
C GLU D 28 -16.82 31.37 10.79
N GLU D 29 -15.84 32.29 10.76
CA GLU D 29 -14.59 32.10 10.02
C GLU D 29 -13.43 31.45 10.80
N VAL D 30 -13.48 31.51 12.12
CA VAL D 30 -12.43 30.93 12.98
C VAL D 30 -12.62 29.41 13.13
N LEU D 31 -13.88 28.97 13.23
CA LEU D 31 -14.23 27.55 13.38
C LEU D 31 -14.17 26.78 12.06
N GLU D 32 -14.21 27.51 10.94
CA GLU D 32 -14.15 26.93 9.61
C GLU D 32 -12.72 26.70 9.12
N GLU D 33 -11.80 27.58 9.52
CA GLU D 33 -10.39 27.50 9.16
C GLU D 33 -9.63 26.53 10.08
N LEU D 34 -10.28 26.17 11.18
CA LEU D 34 -9.74 25.23 12.18
C LEU D 34 -9.96 23.80 11.67
N GLU D 35 -11.07 23.61 10.97
CA GLU D 35 -11.48 22.33 10.38
C GLU D 35 -10.63 22.00 9.14
N MET D 36 -10.08 23.05 8.52
CA MET D 36 -9.24 22.94 7.33
C MET D 36 -7.81 22.51 7.66
N ALA D 37 -7.39 22.80 8.90
CA ALA D 37 -6.04 22.48 9.39
C ALA D 37 -5.96 21.12 10.09
N LEU D 38 -7.06 20.71 10.74
CA LEU D 38 -7.13 19.44 11.47
C LEU D 38 -7.31 18.23 10.55
N LEU D 39 -8.19 18.35 9.55
CA LEU D 39 -8.47 17.27 8.60
C LEU D 39 -7.34 17.04 7.59
N ALA D 40 -6.39 17.98 7.55
CA ALA D 40 -5.23 17.93 6.67
C ALA D 40 -4.01 17.40 7.45
N ALA D 41 -4.21 17.17 8.75
CA ALA D 41 -3.17 16.68 9.65
C ALA D 41 -3.39 15.23 10.09
N ASP D 42 -4.30 14.53 9.39
CA ASP D 42 -4.66 13.11 9.63
C ASP D 42 -5.24 12.79 11.02
N VAL D 43 -6.15 13.64 11.52
CA VAL D 43 -6.76 13.45 12.84
C VAL D 43 -7.77 12.28 12.90
N GLY D 44 -8.97 12.48 12.36
CA GLY D 44 -9.97 11.42 12.39
C GLY D 44 -11.34 11.77 11.86
N LEU D 45 -12.28 10.84 12.05
CA LEU D 45 -13.66 10.97 11.62
C LEU D 45 -14.55 11.45 12.77
N SER D 46 -14.54 10.69 13.87
CA SER D 46 -15.32 11.01 15.06
C SER D 46 -14.49 11.81 16.05
N ALA D 47 -13.20 11.96 15.77
CA ALA D 47 -12.25 12.70 16.60
C ALA D 47 -12.29 14.20 16.33
N THR D 48 -12.49 14.57 15.06
CA THR D 48 -12.55 15.98 14.63
C THR D 48 -13.94 16.58 14.90
N GLU D 49 -14.96 15.71 14.92
CA GLU D 49 -16.35 16.11 15.17
C GLU D 49 -16.61 16.35 16.65
N GLU D 50 -15.75 15.78 17.51
CA GLU D 50 -15.86 15.90 18.96
C GLU D 50 -15.25 17.20 19.49
N ILE D 51 -14.26 17.73 18.77
CA ILE D 51 -13.57 18.99 19.14
C ILE D 51 -14.42 20.22 18.82
N LEU D 52 -15.13 20.18 17.69
CA LEU D 52 -15.99 21.28 17.23
C LEU D 52 -17.25 21.53 18.06
N GLN D 53 -17.73 20.48 18.74
CA GLN D 53 -18.93 20.57 19.58
C GLN D 53 -18.65 21.08 21.00
N GLU D 54 -17.36 21.07 21.38
CA GLU D 54 -16.93 21.54 22.70
C GLU D 54 -16.58 23.02 22.74
N VAL D 55 -16.21 23.58 21.59
CA VAL D 55 -15.84 25.00 21.47
C VAL D 55 -17.07 25.87 21.22
N ARG D 56 -18.09 25.30 20.57
CA ARG D 56 -19.36 26.00 20.27
C ARG D 56 -20.28 26.17 21.47
N ALA D 57 -20.08 25.34 22.50
CA ALA D 57 -20.88 25.38 23.73
C ALA D 57 -20.09 25.93 24.92
N SER D 58 -18.93 26.52 24.64
CA SER D 58 -18.06 27.09 25.67
C SER D 58 -18.38 28.57 25.94
N GLY D 59 -18.16 29.42 24.94
CA GLY D 59 -18.41 30.85 25.06
C GLY D 59 -17.23 31.62 25.61
N ARG D 60 -16.18 31.75 24.80
CA ARG D 60 -14.95 32.45 25.17
C ARG D 60 -14.51 33.36 24.02
N LYS D 61 -13.97 34.53 24.38
CA LYS D 61 -13.49 35.51 23.40
C LYS D 61 -12.11 35.15 22.85
N ASP D 62 -11.23 34.67 23.75
CA ASP D 62 -9.87 34.27 23.38
C ASP D 62 -9.91 32.83 22.85
N LEU D 63 -10.09 32.70 21.55
CA LEU D 63 -10.18 31.42 20.85
C LEU D 63 -8.85 30.77 20.49
N LYS D 64 -7.74 31.45 20.79
CA LYS D 64 -6.40 30.95 20.50
C LYS D 64 -5.90 30.03 21.61
N GLU D 65 -6.32 30.31 22.84
CA GLU D 65 -5.93 29.53 24.02
C GLU D 65 -7.00 28.50 24.40
N ALA D 66 -8.21 28.67 23.85
CA ALA D 66 -9.35 27.79 24.11
C ALA D 66 -9.27 26.43 23.41
N VAL D 67 -8.71 26.42 22.20
CA VAL D 67 -8.55 25.20 21.40
C VAL D 67 -7.29 24.43 21.84
N LYS D 68 -6.30 25.16 22.34
CA LYS D 68 -5.03 24.60 22.81
C LYS D 68 -5.15 23.81 24.11
N GLU D 69 -6.10 24.21 24.97
CA GLU D 69 -6.33 23.54 26.25
C GLU D 69 -7.18 22.27 26.10
N LYS D 70 -7.89 22.18 24.98
CA LYS D 70 -8.73 21.02 24.66
C LYS D 70 -7.94 19.91 23.97
N LEU D 71 -6.93 20.30 23.18
CA LEU D 71 -6.08 19.35 22.45
C LEU D 71 -4.98 18.70 23.30
N VAL D 72 -4.67 19.31 24.44
CA VAL D 72 -3.67 18.79 25.38
C VAL D 72 -4.35 17.74 26.27
N GLY D 73 -5.65 17.95 26.53
CA GLY D 73 -6.44 17.03 27.35
C GLY D 73 -6.81 15.76 26.60
N MET D 74 -6.68 15.79 25.28
CA MET D 74 -6.98 14.65 24.41
C MET D 74 -5.75 13.75 24.24
N LEU D 75 -4.57 14.34 24.42
CA LEU D 75 -3.29 13.62 24.30
C LEU D 75 -2.81 13.06 25.64
N GLU D 76 -3.16 13.75 26.72
CA GLU D 76 -2.79 13.33 28.08
C GLU D 76 -3.94 12.57 28.75
N PRO D 77 -3.69 11.35 29.26
CA PRO D 77 -4.72 10.52 29.92
C PRO D 77 -5.16 11.02 31.31
N ASP D 78 -6.29 10.66 31.72
N PRO D 96 12.85 14.82 31.73
CA PRO D 96 13.16 13.56 31.00
C PRO D 96 12.17 12.44 31.32
N VAL D 97 11.95 11.56 30.33
CA VAL D 97 11.04 10.42 30.47
C VAL D 97 11.81 9.17 30.88
N GLU D 98 11.44 8.62 32.04
CA GLU D 98 12.06 7.42 32.60
C GLU D 98 11.13 6.21 32.47
N PRO D 99 11.64 5.07 31.92
CA PRO D 99 10.86 3.83 31.75
C PRO D 99 10.45 3.15 33.06
N LYS D 100 9.38 2.35 32.99
CA LYS D 100 8.85 1.61 34.13
C LYS D 100 9.61 0.31 34.40
N GLY D 101 10.19 -0.26 33.33
CA GLY D 101 10.95 -1.49 33.45
C GLY D 101 12.30 -1.42 32.77
N ARG D 102 12.93 -2.58 32.61
CA ARG D 102 14.26 -2.69 31.98
C ARG D 102 14.20 -3.13 30.52
N VAL D 103 13.36 -4.13 30.22
CA VAL D 103 13.20 -4.66 28.87
C VAL D 103 12.04 -3.96 28.16
N VAL D 104 12.35 -3.34 27.01
CA VAL D 104 11.36 -2.62 26.20
C VAL D 104 11.16 -3.37 24.88
N LEU D 105 9.89 -3.48 24.46
CA LEU D 105 9.52 -4.15 23.21
C LEU D 105 9.11 -3.11 22.15
N VAL D 106 9.92 -3.03 21.10
CA VAL D 106 9.68 -2.09 19.99
C VAL D 106 9.01 -2.82 18.83
N VAL D 107 7.74 -2.46 18.56
CA VAL D 107 6.93 -3.05 17.49
C VAL D 107 6.55 -2.04 16.40
N GLY D 108 6.07 -2.55 15.26
CA GLY D 108 5.66 -1.71 14.15
C GLY D 108 5.34 -2.47 12.87
N VAL D 109 5.00 -1.73 11.82
CA VAL D 109 4.65 -2.30 10.52
C VAL D 109 5.76 -2.12 9.46
N ASN D 110 5.39 -2.17 8.17
CA ASN D 110 6.34 -2.03 7.06
C ASN D 110 6.45 -0.59 6.55
N GLY D 111 7.69 -0.16 6.31
CA GLY D 111 7.95 1.18 5.80
C GLY D 111 8.00 2.32 6.80
N VAL D 112 8.00 2.00 8.09
CA VAL D 112 8.05 3.00 9.15
C VAL D 112 9.46 3.30 9.67
N GLY D 113 10.31 2.27 9.66
CA GLY D 113 11.68 2.41 10.13
C GLY D 113 11.82 2.09 11.60
N LYS D 114 11.76 0.81 11.94
CA LYS D 114 11.88 0.32 13.32
C LYS D 114 13.33 0.29 13.79
N THR D 115 14.22 -0.02 12.85
CA THR D 115 15.67 -0.11 13.09
C THR D 115 16.31 1.28 13.21
N THR D 116 15.64 2.29 12.66
CA THR D 116 16.10 3.68 12.67
C THR D 116 15.74 4.38 13.99
N THR D 117 14.66 3.92 14.63
CA THR D 117 14.18 4.48 15.90
C THR D 117 15.00 4.02 17.11
N ILE D 118 15.51 2.78 17.03
CA ILE D 118 16.33 2.17 18.09
C ILE D 118 17.74 2.79 18.13
N ALA D 119 18.18 3.32 16.99
CA ALA D 119 19.48 3.97 16.85
C ALA D 119 19.48 5.37 17.49
N LYS D 120 18.29 5.94 17.64
CA LYS D 120 18.09 7.27 18.24
C LYS D 120 17.93 7.15 19.75
N LEU D 121 17.34 6.05 20.20
CA LEU D 121 17.10 5.77 21.62
C LEU D 121 18.36 5.31 22.36
N GLY D 122 19.39 4.97 21.60
CA GLY D 122 20.66 4.53 22.17
C GLY D 122 21.61 5.69 22.45
N ARG D 123 21.33 6.84 21.82
CA ARG D 123 22.12 8.06 21.97
C ARG D 123 21.61 8.92 23.13
N TYR D 124 20.30 8.92 23.33
CA TYR D 124 19.63 9.70 24.38
C TYR D 124 19.90 9.20 25.82
N TYR D 125 19.90 7.89 26.00
CA TYR D 125 20.12 7.29 27.33
C TYR D 125 21.56 7.06 27.79
N GLN D 126 22.52 7.12 26.87
CA GLN D 126 23.94 6.92 27.21
C GLN D 126 24.61 8.18 27.77
N ASN D 127 23.99 9.33 27.52
CA ASN D 127 24.49 10.64 27.98
C ASN D 127 24.05 10.93 29.42
N LEU D 128 23.02 10.24 29.88
CA LEU D 128 22.49 10.39 31.23
C LEU D 128 23.24 9.54 32.26
N GLY D 129 23.49 8.28 31.90
CA GLY D 129 24.21 7.37 32.78
C GLY D 129 23.67 5.95 32.81
N LYS D 130 23.02 5.53 31.72
CA LYS D 130 22.44 4.19 31.62
C LYS D 130 23.27 3.28 30.70
N LYS D 131 23.34 2.00 31.07
CA LYS D 131 24.08 1.00 30.30
C LYS D 131 23.10 0.27 29.37
N VAL D 132 23.15 0.65 28.10
CA VAL D 132 22.26 0.10 27.05
C VAL D 132 22.90 -1.04 26.24
N MET D 133 22.08 -2.01 25.86
CA MET D 133 22.48 -3.16 25.03
C MET D 133 21.39 -3.47 24.00
N PHE D 134 21.80 -3.67 22.74
CA PHE D 134 20.87 -3.97 21.65
C PHE D 134 20.65 -5.46 21.40
N CYS D 135 19.57 -5.76 20.68
CA CYS D 135 19.19 -7.13 20.32
C CYS D 135 18.54 -7.11 18.94
N ALA D 136 19.10 -7.90 18.02
CA ALA D 136 18.60 -8.00 16.65
C ALA D 136 17.54 -9.09 16.51
N GLY D 137 16.43 -8.75 15.86
CA GLY D 137 15.34 -9.69 15.66
C GLY D 137 14.63 -9.52 14.33
N ASP D 138 15.38 -9.10 13.32
CA ASP D 138 14.85 -8.89 11.97
C ASP D 138 15.60 -9.84 11.02
N THR D 139 15.32 -11.14 11.19
CA THR D 139 15.94 -12.20 10.39
C THR D 139 15.06 -12.66 9.22
N PHE D 140 13.83 -12.14 9.17
CA PHE D 140 12.86 -12.47 8.12
C PHE D 140 13.13 -11.65 6.85
N ARG D 141 13.51 -10.39 7.03
CA ARG D 141 13.81 -9.47 5.94
C ARG D 141 15.31 -9.54 5.60
N ALA D 142 15.65 -9.25 4.34
CA ALA D 142 17.03 -9.25 3.85
C ALA D 142 17.77 -7.99 4.30
N ALA D 143 18.95 -8.21 4.90
CA ALA D 143 19.85 -7.15 5.42
C ALA D 143 19.24 -6.32 6.56
N GLY D 144 18.33 -6.95 7.31
CA GLY D 144 17.68 -6.29 8.44
C GLY D 144 18.43 -6.45 9.75
N GLY D 145 19.06 -7.61 9.93
CA GLY D 145 19.82 -7.89 11.13
C GLY D 145 21.26 -7.40 11.06
N THR D 146 21.65 -6.96 9.85
CA THR D 146 22.99 -6.44 9.59
C THR D 146 22.97 -4.90 9.62
N GLN D 147 21.76 -4.35 9.63
CA GLN D 147 21.54 -2.89 9.66
C GLN D 147 21.78 -2.30 11.06
N LEU D 148 21.43 -3.06 12.09
CA LEU D 148 21.59 -2.65 13.50
C LEU D 148 23.04 -2.84 13.96
N SER D 149 23.79 -3.67 13.21
CA SER D 149 25.19 -3.97 13.49
C SER D 149 26.11 -2.83 13.03
N GLU D 150 25.64 -2.06 12.04
CA GLU D 150 26.39 -0.92 11.51
C GLU D 150 26.25 0.32 12.40
N TRP D 151 25.10 0.44 13.06
CA TRP D 151 24.81 1.54 13.98
C TRP D 151 25.28 1.22 15.40
N GLY D 152 25.59 -0.06 15.63
CA GLY D 152 26.06 -0.53 16.93
C GLY D 152 27.54 -0.35 17.15
N LYS D 153 28.30 -0.24 16.05
CA LYS D 153 29.75 -0.04 16.09
C LYS D 153 30.10 1.45 16.13
N ARG D 154 29.13 2.29 15.80
CA ARG D 154 29.27 3.75 15.78
C ARG D 154 29.02 4.32 17.19
N LEU D 155 28.06 3.72 17.90
CA LEU D 155 27.69 4.12 19.25
C LEU D 155 28.40 3.31 20.33
N SER D 156 29.20 2.32 19.90
CA SER D 156 29.99 1.40 20.75
C SER D 156 29.15 0.49 21.66
N ILE D 157 27.90 0.27 21.24
CA ILE D 157 26.93 -0.56 21.97
C ILE D 157 26.86 -1.96 21.33
N PRO D 158 27.13 -3.04 22.11
CA PRO D 158 27.09 -4.42 21.60
C PRO D 158 25.71 -4.96 21.23
N VAL D 159 25.64 -5.62 20.07
CA VAL D 159 24.40 -6.21 19.54
C VAL D 159 24.45 -7.74 19.60
N ILE D 160 23.33 -8.34 20.00
CA ILE D 160 23.19 -9.80 20.09
C ILE D 160 22.59 -10.28 18.75
N GLN D 161 23.44 -10.79 17.88
CA GLN D 161 23.05 -11.28 16.55
C GLN D 161 22.85 -12.79 16.45
N GLY D 162 22.42 -13.24 15.26
CA GLY D 162 22.19 -14.64 14.99
C GLY D 162 22.09 -14.92 13.49
N PRO D 163 22.00 -16.20 13.06
CA PRO D 163 21.90 -16.59 11.64
C PRO D 163 20.55 -16.23 10.98
N GLU D 164 20.47 -16.46 9.67
CA GLU D 164 19.26 -16.18 8.89
C GLU D 164 18.35 -17.41 8.87
N GLY D 165 17.10 -17.20 9.29
CA GLY D 165 16.12 -18.28 9.33
C GLY D 165 15.82 -18.80 10.73
N THR D 166 16.25 -18.05 11.75
CA THR D 166 16.04 -18.40 13.15
C THR D 166 14.80 -17.70 13.73
N ASP D 167 14.49 -18.00 14.98
CA ASP D 167 13.35 -17.43 15.69
C ASP D 167 13.73 -16.13 16.44
N PRO D 168 13.01 -15.01 16.17
CA PRO D 168 13.28 -13.72 16.83
C PRO D 168 12.78 -13.61 18.28
N ALA D 169 11.98 -14.60 18.71
CA ALA D 169 11.41 -14.64 20.05
C ALA D 169 12.36 -15.22 21.10
N ALA D 170 13.09 -16.27 20.71
CA ALA D 170 14.05 -16.93 21.61
C ALA D 170 15.44 -16.31 21.60
N LEU D 171 15.67 -15.40 20.66
CA LEU D 171 16.94 -14.67 20.52
C LEU D 171 16.89 -13.48 21.49
N ALA D 172 15.68 -13.20 21.98
CA ALA D 172 15.42 -12.13 22.95
C ALA D 172 15.49 -12.68 24.37
N TYR D 173 15.38 -14.01 24.49
CA TYR D 173 15.44 -14.75 25.77
C TYR D 173 16.88 -14.81 26.27
N ASP D 174 17.83 -14.91 25.33
CA ASP D 174 19.26 -14.98 25.63
C ASP D 174 19.84 -13.58 25.93
N ALA D 175 19.04 -12.56 25.66
CA ALA D 175 19.41 -11.16 25.89
C ALA D 175 19.05 -10.72 27.31
N VAL D 176 18.07 -11.40 27.90
CA VAL D 176 17.60 -11.12 29.27
C VAL D 176 18.53 -11.83 30.27
N GLN D 177 19.08 -12.97 29.85
CA GLN D 177 20.01 -13.77 30.66
C GLN D 177 21.42 -13.17 30.67
N ALA D 178 21.69 -12.30 29.71
CA ALA D 178 22.97 -11.61 29.57
C ALA D 178 22.91 -10.22 30.21
N MET D 179 21.72 -9.86 30.70
CA MET D 179 21.45 -8.58 31.35
C MET D 179 21.48 -8.75 32.87
N LYS D 180 20.96 -9.88 33.35
CA LYS D 180 20.90 -10.21 34.77
C LYS D 180 22.21 -10.79 35.33
N ALA D 181 23.03 -11.36 34.44
CA ALA D 181 24.30 -11.96 34.82
C ALA D 181 25.48 -10.98 34.80
N ARG D 182 25.51 -10.10 33.80
CA ARG D 182 26.58 -9.10 33.64
C ARG D 182 26.32 -7.83 34.45
N GLY D 183 25.19 -7.17 34.18
CA GLY D 183 24.85 -5.95 34.89
C GLY D 183 24.52 -4.76 34.01
N TYR D 184 23.51 -4.91 33.15
CA TYR D 184 23.06 -3.86 32.25
C TYR D 184 21.73 -3.25 32.72
N ASP D 185 21.49 -2.00 32.32
CA ASP D 185 20.27 -1.28 32.69
C ASP D 185 19.10 -1.45 31.72
N LEU D 186 19.24 -0.95 30.49
CA LEU D 186 18.18 -1.03 29.48
C LEU D 186 18.45 -2.03 28.34
N LEU D 187 17.35 -2.50 27.74
CA LEU D 187 17.38 -3.46 26.63
C LEU D 187 16.24 -3.16 25.64
N PHE D 188 16.60 -3.08 24.36
CA PHE D 188 15.65 -2.81 23.28
C PHE D 188 15.59 -4.00 22.31
N VAL D 189 14.41 -4.58 22.18
CA VAL D 189 14.16 -5.73 21.29
C VAL D 189 13.60 -5.27 19.95
N ASP D 190 14.14 -5.83 18.86
CA ASP D 190 13.72 -5.51 17.50
C ASP D 190 12.80 -6.59 16.94
N THR D 191 11.81 -6.17 16.15
CA THR D 191 10.84 -7.07 15.52
C THR D 191 10.93 -7.01 13.99
N ALA D 192 10.22 -7.91 13.32
CA ALA D 192 10.19 -7.99 11.86
C ALA D 192 9.03 -7.19 11.27
N GLY D 193 9.07 -6.99 9.94
CA GLY D 193 8.03 -6.25 9.24
C GLY D 193 6.76 -7.07 9.04
N ARG D 194 5.79 -6.85 9.93
CA ARG D 194 4.52 -7.57 9.90
C ARG D 194 3.29 -6.66 9.80
N LEU D 195 2.27 -7.15 9.10
CA LEU D 195 1.01 -6.43 8.91
C LEU D 195 -0.04 -6.79 9.94
N HIS D 196 -1.10 -5.98 10.03
CA HIS D 196 -2.20 -6.17 10.97
C HIS D 196 -3.31 -7.10 10.45
N THR D 197 -3.34 -7.31 9.13
CA THR D 197 -4.33 -8.16 8.47
C THR D 197 -4.03 -9.66 8.55
N LYS D 198 -2.73 -9.99 8.57
CA LYS D 198 -2.27 -11.39 8.65
C LYS D 198 -2.28 -11.89 10.09
N HIS D 199 -2.97 -13.02 10.31
CA HIS D 199 -3.10 -13.64 11.63
C HIS D 199 -1.93 -14.56 11.99
N ASN D 200 -1.24 -15.05 10.96
CA ASN D 200 -0.09 -15.96 11.14
C ASN D 200 1.17 -15.30 11.72
N LEU D 201 1.30 -13.99 11.50
CA LEU D 201 2.44 -13.21 12.00
C LEU D 201 2.14 -12.50 13.33
N MET D 202 0.86 -12.43 13.69
CA MET D 202 0.42 -11.81 14.95
C MET D 202 0.45 -12.79 16.12
N GLU D 203 0.46 -14.09 15.79
CA GLU D 203 0.53 -15.17 16.79
C GLU D 203 1.99 -15.44 17.14
N GLU D 204 2.89 -14.94 16.29
CA GLU D 204 4.34 -15.06 16.46
C GLU D 204 4.82 -13.92 17.38
N LEU D 205 4.00 -12.87 17.48
CA LEU D 205 4.27 -11.70 18.31
C LEU D 205 3.93 -11.99 19.77
N LYS D 206 3.02 -12.94 19.98
CA LYS D 206 2.58 -13.37 21.32
C LYS D 206 3.61 -14.30 21.96
N LYS D 207 4.49 -14.86 21.11
CA LYS D 207 5.56 -15.76 21.54
C LYS D 207 6.78 -15.01 22.09
N VAL D 208 6.83 -13.71 21.80
CA VAL D 208 7.93 -12.84 22.24
C VAL D 208 7.63 -12.30 23.64
N LYS D 209 6.35 -12.21 23.98
CA LYS D 209 5.88 -11.72 25.29
C LYS D 209 6.09 -12.75 26.40
N ARG D 210 5.80 -14.01 26.11
CA ARG D 210 5.95 -15.10 27.08
C ARG D 210 7.37 -15.65 27.18
N ALA D 211 8.25 -15.19 26.29
CA ALA D 211 9.66 -15.59 26.26
C ALA D 211 10.47 -14.77 27.26
N ILE D 212 10.10 -13.51 27.42
CA ILE D 212 10.75 -12.57 28.35
C ILE D 212 10.14 -12.78 29.75
N ALA D 213 8.89 -13.24 29.79
CA ALA D 213 8.15 -13.50 31.03
C ALA D 213 8.51 -14.86 31.65
N LYS D 214 9.34 -15.62 30.95
CA LYS D 214 9.79 -16.95 31.38
C LYS D 214 11.02 -16.81 32.29
N ALA D 215 11.84 -15.79 32.01
CA ALA D 215 13.05 -15.51 32.78
C ALA D 215 12.76 -14.54 33.93
N ASP D 216 12.10 -13.43 33.61
CA ASP D 216 11.74 -12.40 34.59
C ASP D 216 10.21 -12.16 34.49
N PRO D 217 9.45 -12.53 35.54
CA PRO D 217 7.97 -12.37 35.58
C PRO D 217 7.40 -10.94 35.55
N GLU D 218 8.23 -9.96 35.90
CA GLU D 218 7.84 -8.55 35.91
C GLU D 218 7.92 -7.90 34.54
N GLU D 219 8.93 -8.33 33.76
CA GLU D 219 9.17 -7.82 32.40
C GLU D 219 8.36 -8.61 31.36
N PRO D 220 7.83 -7.93 30.30
CA PRO D 220 7.87 -6.51 29.90
C PRO D 220 6.83 -5.58 30.54
N LYS D 221 7.22 -4.30 30.68
CA LYS D 221 6.36 -3.26 31.24
C LYS D 221 6.02 -2.21 30.19
N GLU D 222 7.04 -1.76 29.46
CA GLU D 222 6.90 -0.75 28.41
C GLU D 222 6.94 -1.35 27.00
N VAL D 223 5.84 -1.20 26.27
CA VAL D 223 5.71 -1.69 24.89
C VAL D 223 5.46 -0.47 24.00
N TRP D 224 6.46 -0.10 23.20
CA TRP D 224 6.37 1.06 22.31
C TRP D 224 6.09 0.71 20.84
N LEU D 225 5.25 1.51 20.19
CA LEU D 225 4.86 1.33 18.79
C LEU D 225 5.40 2.46 17.91
N VAL D 226 5.95 2.09 16.74
CA VAL D 226 6.49 3.06 15.78
C VAL D 226 5.55 3.24 14.59
N LEU D 227 5.07 4.47 14.41
CA LEU D 227 4.16 4.84 13.31
C LEU D 227 4.77 5.90 12.41
N ASP D 228 4.18 6.09 11.22
CA ASP D 228 4.64 7.07 10.25
C ASP D 228 3.70 8.28 10.22
N ALA D 229 4.18 9.38 9.63
CA ALA D 229 3.41 10.62 9.52
C ALA D 229 2.62 10.76 8.21
N VAL D 230 2.99 9.96 7.20
CA VAL D 230 2.34 9.98 5.90
C VAL D 230 1.10 9.07 5.83
N THR D 231 0.88 8.31 6.90
CA THR D 231 -0.26 7.38 7.03
C THR D 231 -1.57 8.14 7.31
N GLY D 232 -2.63 7.72 6.63
CA GLY D 232 -3.94 8.34 6.79
C GLY D 232 -4.79 7.77 7.91
N GLN D 233 -5.92 7.16 7.53
CA GLN D 233 -6.84 6.57 8.50
C GLN D 233 -6.58 5.08 8.76
N ASN D 234 -5.44 4.60 8.24
CA ASN D 234 -5.03 3.20 8.39
C ASN D 234 -4.28 3.00 9.72
N GLY D 235 -3.82 4.11 10.30
CA GLY D 235 -3.10 4.10 11.57
C GLY D 235 -3.95 3.86 12.81
N LEU D 236 -5.27 3.98 12.64
CA LEU D 236 -6.25 3.77 13.71
C LEU D 236 -6.60 2.28 13.82
N GLU D 237 -6.56 1.60 12.67
CA GLU D 237 -6.85 0.16 12.59
C GLU D 237 -5.65 -0.67 13.05
N GLN D 238 -4.46 -0.07 12.99
CA GLN D 238 -3.21 -0.70 13.40
C GLN D 238 -3.04 -0.69 14.92
N ALA D 239 -3.45 0.41 15.55
CA ALA D 239 -3.35 0.60 17.00
C ALA D 239 -4.30 -0.29 17.82
N LYS D 240 -5.42 -0.69 17.22
CA LYS D 240 -6.42 -1.53 17.87
C LYS D 240 -6.08 -3.03 17.84
N LYS D 241 -5.29 -3.43 16.85
CA LYS D 241 -4.87 -4.83 16.68
C LYS D 241 -3.61 -5.17 17.48
N PHE D 242 -2.74 -4.17 17.67
CA PHE D 242 -1.49 -4.34 18.42
C PHE D 242 -1.69 -4.22 19.93
N HIS D 243 -2.85 -3.73 20.34
CA HIS D 243 -3.21 -3.56 21.76
C HIS D 243 -3.92 -4.83 22.26
N GLU D 244 -4.51 -5.56 21.31
CA GLU D 244 -5.24 -6.81 21.59
C GLU D 244 -4.26 -8.00 21.67
N ALA D 245 -3.09 -7.83 21.06
CA ALA D 245 -2.05 -8.85 21.04
C ALA D 245 -1.12 -8.84 22.25
N VAL D 246 -0.39 -7.72 22.42
CA VAL D 246 0.56 -7.57 23.54
C VAL D 246 0.15 -6.57 24.62
N GLY D 247 -0.45 -5.45 24.21
CA GLY D 247 -0.87 -4.42 25.15
C GLY D 247 0.10 -3.24 25.14
N LEU D 248 -0.31 -2.16 24.48
CA LEU D 248 0.50 -0.94 24.34
C LEU D 248 0.42 0.01 25.53
N THR D 249 1.57 0.61 25.86
CA THR D 249 1.69 1.57 26.97
C THR D 249 2.32 2.89 26.48
N GLY D 250 2.67 2.94 25.20
CA GLY D 250 3.28 4.13 24.61
C GLY D 250 3.42 4.06 23.10
N VAL D 251 3.30 5.21 22.43
CA VAL D 251 3.41 5.29 20.96
C VAL D 251 4.46 6.36 20.56
N ILE D 252 5.31 6.01 19.59
CA ILE D 252 6.35 6.90 19.05
C ILE D 252 6.00 7.17 17.57
N VAL D 253 6.31 8.36 17.09
CA VAL D 253 6.07 8.74 15.70
C VAL D 253 7.35 9.26 15.04
N THR D 254 7.62 8.76 13.83
CA THR D 254 8.81 9.14 13.05
C THR D 254 8.47 9.97 11.81
N LYS D 255 9.51 10.56 11.20
CA LYS D 255 9.44 11.41 10.00
C LYS D 255 8.51 12.64 10.11
N LEU D 256 8.84 13.51 11.06
CA LEU D 256 8.08 14.73 11.32
C LEU D 256 8.72 15.98 10.69
N ASP D 257 9.87 15.78 10.04
CA ASP D 257 10.63 16.84 9.40
C ASP D 257 10.13 17.29 8.01
N GLY D 258 9.22 16.50 7.44
CA GLY D 258 8.66 16.80 6.13
C GLY D 258 7.46 17.73 6.13
N THR D 259 6.60 17.56 5.11
CA THR D 259 5.38 18.38 4.95
C THR D 259 4.21 17.85 5.78
N ALA D 260 4.28 16.58 6.16
CA ALA D 260 3.25 15.93 6.97
C ALA D 260 3.42 16.26 8.46
N LYS D 261 2.29 16.57 9.10
CA LYS D 261 2.28 16.93 10.53
C LYS D 261 2.27 15.72 11.45
N GLY D 262 1.48 14.71 11.10
CA GLY D 262 1.39 13.48 11.88
C GLY D 262 0.52 13.54 13.12
N GLY D 263 -0.72 14.00 12.97
CA GLY D 263 -1.65 14.09 14.08
C GLY D 263 -2.58 12.89 14.19
N VAL D 264 -2.04 11.72 13.87
CA VAL D 264 -2.79 10.45 13.92
C VAL D 264 -2.71 9.84 15.34
N LEU D 265 -2.13 10.61 16.26
CA LEU D 265 -1.94 10.22 17.65
C LEU D 265 -3.12 10.62 18.56
N ILE D 266 -4.00 11.48 18.06
CA ILE D 266 -5.17 11.97 18.81
C ILE D 266 -6.34 10.96 19.02
N PRO D 267 -6.74 10.15 18.00
CA PRO D 267 -7.85 9.22 18.25
C PRO D 267 -7.49 7.93 19.01
N ILE D 268 -6.20 7.71 19.26
CA ILE D 268 -5.69 6.53 19.96
C ILE D 268 -5.81 6.68 21.48
N VAL D 269 -5.54 7.90 21.97
CA VAL D 269 -5.60 8.21 23.41
C VAL D 269 -7.04 8.51 23.88
N ARG D 270 -7.98 8.51 22.93
CA ARG D 270 -9.39 8.77 23.19
C ARG D 270 -10.16 7.49 23.55
N THR D 271 -9.91 6.42 22.80
CA THR D 271 -10.58 5.13 23.00
C THR D 271 -9.78 4.13 23.83
N LEU D 272 -8.50 3.95 23.48
CA LEU D 272 -7.62 3.00 24.16
C LEU D 272 -6.86 3.52 25.38
N LYS D 273 -6.81 4.85 25.53
CA LYS D 273 -6.12 5.55 26.64
C LYS D 273 -4.62 5.27 26.77
N VAL D 274 -3.94 5.24 25.62
CA VAL D 274 -2.49 4.98 25.52
C VAL D 274 -1.73 6.30 25.28
N PRO D 275 -0.84 6.72 26.22
CA PRO D 275 -0.06 7.96 26.10
C PRO D 275 1.06 7.94 25.04
N ILE D 276 1.57 9.14 24.72
CA ILE D 276 2.64 9.32 23.72
C ILE D 276 3.99 9.51 24.46
N LYS D 277 5.06 8.95 23.88
CA LYS D 277 6.39 9.03 24.48
C LYS D 277 7.42 9.94 23.80
N PHE D 278 7.87 9.57 22.59
CA PHE D 278 8.88 10.35 21.84
C PHE D 278 8.47 10.74 20.43
N VAL D 279 9.21 11.69 19.85
CA VAL D 279 9.00 12.18 18.47
C VAL D 279 10.32 12.16 17.69
N GLY D 280 10.25 11.76 16.42
CA GLY D 280 11.43 11.69 15.56
C GLY D 280 11.43 12.75 14.47
N VAL D 281 12.45 13.61 14.47
CA VAL D 281 12.59 14.69 13.49
C VAL D 281 13.75 14.54 12.49
N GLY D 282 14.04 13.29 12.10
CA GLY D 282 15.11 13.04 11.15
C GLY D 282 15.54 11.59 10.99
N GLU D 283 16.75 11.40 10.44
CA GLU D 283 17.33 10.08 10.22
C GLU D 283 18.62 9.89 11.03
N GLY D 284 19.12 10.98 11.60
CA GLY D 284 20.34 10.95 12.40
C GLY D 284 20.19 10.45 13.84
N PRO D 285 21.30 10.15 14.55
CA PRO D 285 21.26 9.66 15.94
C PRO D 285 20.88 10.68 17.02
N ASP D 286 21.22 11.94 16.78
CA ASP D 286 20.93 13.04 17.72
C ASP D 286 19.59 13.73 17.47
N ASP D 287 18.85 13.23 16.47
CA ASP D 287 17.54 13.78 16.11
C ASP D 287 16.37 13.14 16.86
N LEU D 288 16.36 13.33 18.17
CA LEU D 288 15.31 12.81 19.06
C LEU D 288 15.05 13.79 20.19
N GLN D 289 13.88 14.42 20.15
CA GLN D 289 13.44 15.40 21.14
C GLN D 289 12.28 14.82 21.97
N PRO D 290 12.16 15.18 23.27
CA PRO D 290 11.07 14.67 24.11
C PRO D 290 9.70 15.26 23.72
N PHE D 291 8.62 14.58 24.09
CA PHE D 291 7.26 15.02 23.77
C PHE D 291 6.82 16.23 24.61
N ASP D 292 6.53 17.31 23.89
CA ASP D 292 6.07 18.55 24.49
C ASP D 292 4.65 18.79 23.93
N PRO D 293 3.61 18.74 24.80
CA PRO D 293 2.21 18.94 24.39
C PRO D 293 1.82 20.35 23.93
N GLU D 294 2.73 21.30 24.09
CA GLU D 294 2.51 22.69 23.70
C GLU D 294 3.18 23.04 22.37
N ALA D 295 4.21 22.28 22.02
CA ALA D 295 4.97 22.48 20.78
C ALA D 295 4.44 21.65 19.60
N PHE D 296 3.67 20.60 19.93
CA PHE D 296 3.07 19.71 18.93
C PHE D 296 1.78 20.30 18.37
N VAL D 297 1.08 21.09 19.20
CA VAL D 297 -0.17 21.75 18.84
C VAL D 297 0.10 23.04 18.05
N GLU D 298 1.26 23.65 18.30
CA GLU D 298 1.69 24.89 17.65
C GLU D 298 2.06 24.69 16.17
N ALA D 299 2.68 23.55 15.87
CA ALA D 299 3.10 23.20 14.51
C ALA D 299 2.01 22.50 13.70
N LEU D 300 0.93 22.09 14.38
CA LEU D 300 -0.20 21.39 13.78
C LEU D 300 -1.16 22.34 13.06
N LEU D 301 -1.33 23.54 13.64
CA LEU D 301 -2.24 24.56 13.11
C LEU D 301 -1.65 25.45 12.00
N GLU D 302 -0.34 25.32 11.76
CA GLU D 302 0.36 26.10 10.73
C GLU D 302 0.23 25.49 9.34
N ASP D 303 0.07 26.26 8.37
#